data_5Q0F
#
_entry.id   5Q0F
#
_cell.length_a   78.600
_cell.length_b   78.600
_cell.length_c   106.000
_cell.angle_alpha   90.000
_cell.angle_beta   90.000
_cell.angle_gamma   120.000
#
_symmetry.space_group_name_H-M   'P 32 2 1'
#
loop_
_entity.id
_entity.type
_entity.pdbx_description
1 polymer 'Coagulation factor XI'
2 polymer MET-ASP-ASP-ASP-ASP-LYS-MET-ASP-ASN-GLU-CYS-THR-THR-LYS-ILE-LYS-PRO-ARG
3 non-polymer 'methyl [(4R,5E,8S)-8-({(2E)-3-[5-chloro-2-(1H-tetrazol-1-yl)phenyl]prop-2-enoyl}amino)-4-methyl-2-oxo-1,3,4,7,8,10-hexahydro-2H-12,9-(azeno)-1,10-benzodiazacyclotetradecin-15-yl]carbamate'
4 non-polymer 'SULFATE ION'
5 non-polymer 1,2-ETHANEDIOL
6 water water
#
loop_
_entity_poly.entity_id
_entity_poly.type
_entity_poly.pdbx_seq_one_letter_code
_entity_poly.pdbx_strand_id
1 'polypeptide(L)'
;IVGGTASVRGEWPWQVTLHTTSPTQRHLCGGSIIGNQWILTAAHCFYGVESPKILRVYSGILNQSEIKEDTSFFGVQEII
IHDQYKMAESGYDIALLKLETTVGYGDSQRPICLPSKGDRNVIYTDCWVTGWGYRKLRDKIQNTLQKAKIPLVTNEECQK
RYRGHKITHKMICAGYREGGKDACKGDSGGPLSCKHNEVWHLVGITSWGEGCAQRERPGVYTNVVEYVDWILEKTQAVHH
HHHH
;
A
2 'polypeptide(L)' MDDDDKMDNECTTKIKPR H
#
loop_
_chem_comp.id
_chem_comp.type
_chem_comp.name
_chem_comp.formula
9FA non-polymer 'methyl [(4R,5E,8S)-8-({(2E)-3-[5-chloro-2-(1H-tetrazol-1-yl)phenyl]prop-2-enoyl}amino)-4-methyl-2-oxo-1,3,4,7,8,10-hexahydro-2H-12,9-(azeno)-1,10-benzodiazacyclotetradecin-15-yl]carbamate' 'C29 H28 Cl N9 O4'
EDO non-polymer 1,2-ETHANEDIOL 'C2 H6 O2'
SO4 non-polymer 'SULFATE ION' 'O4 S -2'
#
# COMPACT_ATOMS: atom_id res chain seq x y z
N ILE A 1 -7.75 -1.47 8.88
CA ILE A 1 -7.56 -2.93 8.89
C ILE A 1 -8.64 -3.53 9.77
N VAL A 2 -9.32 -4.56 9.25
CA VAL A 2 -10.38 -5.29 9.99
C VAL A 2 -9.74 -6.56 10.56
N GLY A 3 -10.03 -6.87 11.82
CA GLY A 3 -9.54 -8.10 12.46
C GLY A 3 -8.05 -8.12 12.68
N GLY A 4 -7.43 -6.95 12.74
CA GLY A 4 -5.99 -6.89 12.94
C GLY A 4 -5.59 -6.66 14.39
N THR A 5 -4.29 -6.51 14.63
CA THR A 5 -3.77 -6.21 15.95
C THR A 5 -2.73 -5.11 15.78
N ALA A 6 -2.41 -4.43 16.87
CA ALA A 6 -1.44 -3.38 16.91
C ALA A 6 -0.09 -3.88 16.46
N SER A 7 0.58 -3.12 15.60
CA SER A 7 1.94 -3.42 15.20
C SER A 7 2.87 -2.95 16.33
N VAL A 8 4.11 -3.42 16.28
CA VAL A 8 5.18 -3.05 17.20
C VAL A 8 6.00 -1.98 16.42
N ARG A 9 6.59 -0.99 17.13
CA ARG A 9 7.39 0.01 16.45
C ARG A 9 8.55 -0.67 15.72
N GLY A 10 8.73 -0.31 14.46
CA GLY A 10 9.78 -0.82 13.57
C GLY A 10 9.46 -2.09 12.83
N GLU A 11 8.28 -2.66 13.08
CA GLU A 11 7.82 -3.89 12.42
C GLU A 11 7.68 -3.78 10.90
N TRP A 12 7.14 -2.64 10.41
CA TRP A 12 6.88 -2.43 8.98
C TRP A 12 7.58 -1.12 8.60
N PRO A 13 8.94 -1.08 8.62
CA PRO A 13 9.66 0.20 8.46
C PRO A 13 9.55 0.85 7.06
N TRP A 14 8.98 0.13 6.07
CA TRP A 14 8.72 0.68 4.74
C TRP A 14 7.34 1.33 4.70
N GLN A 15 6.48 1.07 5.71
CA GLN A 15 5.14 1.67 5.76
C GLN A 15 5.20 3.17 6.00
N VAL A 16 4.49 3.96 5.16
CA VAL A 16 4.37 5.39 5.38
C VAL A 16 2.92 5.79 5.51
N THR A 17 2.69 6.97 6.08
CA THR A 17 1.39 7.61 6.11
C THR A 17 1.51 8.84 5.25
N LEU A 18 0.68 8.88 4.20
CA LEU A 18 0.61 10.04 3.30
C LEU A 18 -0.53 10.92 3.78
N HIS A 19 -0.20 12.19 4.06
CA HIS A 19 -1.18 13.19 4.49
C HIS A 19 -1.40 14.23 3.42
N THR A 20 -2.59 14.84 3.46
CA THR A 20 -2.92 15.97 2.62
C THR A 20 -3.07 17.16 3.60
N THR A 21 -2.69 18.39 3.22
CA THR A 21 -2.86 19.59 4.07
C THR A 21 -4.12 20.37 3.66
N SER A 22 -4.77 20.03 2.54
CA SER A 22 -5.96 20.71 1.98
C SER A 22 -7.29 19.96 2.15
N PRO A 23 -8.34 20.56 2.77
CA PRO A 23 -8.40 21.91 3.36
C PRO A 23 -7.68 22.01 4.70
N THR A 24 -7.65 20.90 5.47
CA THR A 24 -6.94 20.76 6.75
C THR A 24 -6.09 19.48 6.69
N GLN A 25 -5.10 19.35 7.55
CA GLN A 25 -4.23 18.19 7.50
C GLN A 25 -4.87 16.93 8.05
N ARG A 26 -4.80 15.85 7.24
CA ARG A 26 -5.35 14.54 7.61
CA ARG A 26 -5.30 14.54 7.66
C ARG A 26 -4.64 13.42 6.87
N HIS A 27 -4.65 12.20 7.41
CA HIS A 27 -4.12 11.02 6.77
C HIS A 27 -4.97 10.83 5.47
N LEU A 28 -4.32 10.55 4.35
CA LEU A 28 -4.97 10.33 3.06
C LEU A 28 -4.87 8.87 2.63
N CYS A 29 -3.67 8.30 2.69
CA CYS A 29 -3.42 6.95 2.18
C CYS A 29 -2.18 6.41 2.84
N GLY A 30 -1.98 5.11 2.68
CA GLY A 30 -0.75 4.42 3.03
C GLY A 30 0.18 4.48 1.83
N GLY A 31 1.40 4.01 2.02
CA GLY A 31 2.43 3.95 1.00
C GLY A 31 3.60 3.11 1.48
N SER A 32 4.52 2.78 0.57
CA SER A 32 5.70 1.99 0.91
C SER A 32 6.96 2.64 0.38
N ILE A 33 8.01 2.71 1.22
CA ILE A 33 9.33 3.19 0.77
C ILE A 33 9.91 2.10 -0.14
N ILE A 34 10.30 2.44 -1.37
CA ILE A 34 10.90 1.43 -2.26
C ILE A 34 12.33 1.84 -2.71
N GLY A 35 12.71 3.08 -2.42
CA GLY A 35 13.99 3.68 -2.78
C GLY A 35 14.18 4.92 -1.94
N ASN A 36 15.37 5.55 -1.98
CA ASN A 36 15.62 6.66 -1.02
C ASN A 36 14.92 7.96 -1.39
N GLN A 37 14.24 8.03 -2.55
CA GLN A 37 13.42 9.21 -2.81
C GLN A 37 12.07 8.76 -3.39
N TRP A 38 11.71 7.50 -3.14
CA TRP A 38 10.55 6.87 -3.76
C TRP A 38 9.58 6.15 -2.85
N ILE A 39 8.31 6.54 -2.98
CA ILE A 39 7.15 5.93 -2.31
C ILE A 39 6.27 5.30 -3.36
N LEU A 40 5.93 4.00 -3.18
CA LEU A 40 5.01 3.31 -4.08
C LEU A 40 3.66 3.31 -3.37
N THR A 41 2.60 3.70 -4.08
CA THR A 41 1.26 3.84 -3.51
C THR A 41 0.20 3.59 -4.60
N ALA A 42 -1.08 3.87 -4.27
CA ALA A 42 -2.16 3.65 -5.22
C ALA A 42 -2.48 4.94 -6.00
N ALA A 43 -2.72 4.82 -7.30
CA ALA A 43 -3.09 5.95 -8.15
C ALA A 43 -4.39 6.59 -7.69
N HIS A 44 -5.38 5.79 -7.21
CA HIS A 44 -6.68 6.37 -6.81
C HIS A 44 -6.59 7.35 -5.62
N CYS A 45 -5.49 7.30 -4.88
CA CYS A 45 -5.24 8.22 -3.75
C CYS A 45 -5.20 9.70 -4.19
N PHE A 46 -4.88 9.95 -5.48
CA PHE A 46 -4.71 11.33 -5.94
C PHE A 46 -5.93 11.93 -6.64
N TYR A 47 -7.10 11.27 -6.49
CA TYR A 47 -8.35 11.79 -7.04
C TYR A 47 -8.56 13.20 -6.47
N GLY A 48 -8.67 14.19 -7.34
CA GLY A 48 -8.83 15.59 -6.93
C GLY A 48 -7.57 16.32 -6.45
N VAL A 49 -6.40 15.63 -6.37
CA VAL A 49 -5.15 16.26 -5.93
C VAL A 49 -4.59 17.00 -7.15
N GLU A 50 -4.63 18.31 -7.11
CA GLU A 50 -4.18 19.14 -8.25
C GLU A 50 -2.71 19.47 -8.20
N SER A 51 -2.07 19.33 -7.03
CA SER A 51 -0.65 19.66 -6.87
C SER A 51 0.05 18.77 -5.83
N PRO A 52 1.35 18.43 -6.02
CA PRO A 52 2.05 17.66 -4.96
C PRO A 52 2.36 18.52 -3.72
N LYS A 53 2.22 19.86 -3.84
CA LYS A 53 2.47 20.83 -2.75
C LYS A 53 1.62 20.60 -1.51
N ILE A 54 0.45 19.96 -1.66
CA ILE A 54 -0.43 19.69 -0.51
C ILE A 54 -0.09 18.37 0.20
N LEU A 55 0.86 17.59 -0.31
CA LEU A 55 1.21 16.27 0.24
C LEU A 55 2.37 16.27 1.25
N ARG A 56 2.26 15.43 2.29
CA ARG A 56 3.32 15.24 3.29
C ARG A 56 3.46 13.75 3.54
N VAL A 57 4.68 13.26 3.43
CA VAL A 57 4.98 11.85 3.64
C VAL A 57 5.62 11.69 4.99
N TYR A 58 5.03 10.89 5.87
CA TYR A 58 5.65 10.63 7.17
C TYR A 58 6.09 9.20 7.24
N SER A 59 7.39 9.00 7.53
CA SER A 59 7.98 7.68 7.68
C SER A 59 8.34 7.52 9.17
N GLY A 60 8.64 6.29 9.58
CA GLY A 60 9.02 5.99 10.96
C GLY A 60 7.91 6.27 11.97
N ILE A 61 6.66 6.14 11.56
CA ILE A 61 5.52 6.40 12.44
C ILE A 61 4.86 5.10 12.84
N LEU A 62 4.62 4.91 14.17
CA LEU A 62 3.81 3.81 14.65
C LEU A 62 2.39 4.38 14.88
N ASN A 63 2.32 5.53 15.59
CA ASN A 63 1.10 6.19 16.02
C ASN A 63 0.85 7.49 15.33
N GLN A 64 -0.37 7.73 14.86
CA GLN A 64 -0.70 9.00 14.20
C GLN A 64 -0.46 10.19 15.14
N SER A 65 -0.57 9.97 16.48
CA SER A 65 -0.35 11.03 17.49
C SER A 65 1.13 11.53 17.53
N GLU A 66 2.08 10.82 16.87
CA GLU A 66 3.47 11.27 16.74
C GLU A 66 3.53 12.46 15.76
N ILE A 67 2.48 12.62 14.93
CA ILE A 67 2.40 13.68 13.94
C ILE A 67 1.73 14.96 14.49
N LYS A 68 2.54 16.02 14.63
CA LYS A 68 2.11 17.35 15.04
C LYS A 68 2.74 18.31 14.03
N GLU A 69 2.49 19.64 14.18
CA GLU A 69 3.06 20.66 13.31
C GLU A 69 4.59 20.65 13.28
N ASP A 70 5.23 20.23 14.37
CA ASP A 70 6.72 20.21 14.46
C ASP A 70 7.36 18.85 14.00
N THR A 71 6.54 17.87 13.55
CA THR A 71 7.02 16.56 13.11
C THR A 71 7.59 16.67 11.72
N SER A 72 8.81 16.13 11.48
CA SER A 72 9.44 16.17 10.17
CA SER A 72 9.43 16.19 10.17
C SER A 72 8.71 15.25 9.21
N PHE A 73 8.63 15.66 7.94
CA PHE A 73 8.00 14.92 6.87
C PHE A 73 8.86 15.10 5.61
N PHE A 74 8.52 14.37 4.54
CA PHE A 74 9.14 14.52 3.24
C PHE A 74 8.11 15.20 2.36
N GLY A 75 8.57 16.24 1.68
CA GLY A 75 7.76 16.93 0.69
C GLY A 75 7.75 16.08 -0.57
N VAL A 76 6.76 16.27 -1.43
CA VAL A 76 6.64 15.52 -2.67
C VAL A 76 6.99 16.44 -3.86
N GLN A 77 8.00 16.05 -4.63
CA GLN A 77 8.47 16.76 -5.81
C GLN A 77 7.52 16.46 -6.98
N GLU A 78 7.09 15.20 -7.11
CA GLU A 78 6.31 14.75 -8.25
C GLU A 78 5.41 13.56 -7.94
N ILE A 79 4.22 13.57 -8.55
CA ILE A 79 3.26 12.47 -8.49
C ILE A 79 3.29 11.80 -9.86
N ILE A 80 3.64 10.51 -9.92
CA ILE A 80 3.68 9.78 -11.16
C ILE A 80 2.58 8.69 -11.12
N ILE A 81 1.54 8.86 -11.91
CA ILE A 81 0.40 7.94 -12.01
C ILE A 81 0.54 7.12 -13.27
N HIS A 82 0.30 5.79 -13.19
CA HIS A 82 0.36 4.96 -14.38
C HIS A 82 -0.55 5.54 -15.45
N ASP A 83 -0.05 5.66 -16.70
CA ASP A 83 -0.75 6.21 -17.87
C ASP A 83 -2.06 5.54 -18.19
N GLN A 84 -2.17 4.23 -17.88
CA GLN A 84 -3.37 3.49 -18.24
C GLN A 84 -4.41 3.51 -17.13
N TYR A 85 -4.08 4.13 -15.98
CA TYR A 85 -5.01 4.18 -14.85
C TYR A 85 -6.28 4.97 -15.14
N LYS A 86 -7.44 4.37 -14.92
CA LYS A 86 -8.74 5.05 -15.03
C LYS A 86 -9.38 5.01 -13.66
N MET A 87 -9.44 3.80 -13.04
CA MET A 87 -10.06 3.63 -11.73
C MET A 87 -9.54 2.38 -11.07
N ALA A 88 -9.64 2.30 -9.74
CA ALA A 88 -9.14 1.14 -8.96
C ALA A 88 -9.66 -0.18 -9.48
N GLU A 89 -10.98 -0.26 -9.74
CA GLU A 89 -11.64 -1.49 -10.18
C GLU A 89 -11.22 -1.98 -11.56
N SER A 90 -10.59 -1.10 -12.37
CA SER A 90 -10.11 -1.51 -13.70
C SER A 90 -8.60 -1.83 -13.73
N GLY A 91 -7.91 -1.69 -12.60
CA GLY A 91 -6.49 -1.97 -12.52
C GLY A 91 -5.60 -0.76 -12.75
N TYR A 92 -4.29 -1.03 -12.96
CA TYR A 92 -3.24 -0.01 -13.11
C TYR A 92 -3.29 0.96 -11.93
N ASP A 93 -3.77 0.48 -10.74
CA ASP A 93 -3.90 1.38 -9.58
C ASP A 93 -2.53 1.46 -8.89
N ILE A 94 -1.64 2.22 -9.50
CA ILE A 94 -0.28 2.34 -9.02
C ILE A 94 0.24 3.74 -9.31
N ALA A 95 0.97 4.29 -8.33
CA ALA A 95 1.58 5.59 -8.45
C ALA A 95 2.88 5.60 -7.68
N LEU A 96 3.79 6.49 -8.11
CA LEU A 96 5.05 6.78 -7.44
C LEU A 96 5.05 8.21 -6.97
N LEU A 97 5.60 8.44 -5.77
CA LEU A 97 5.84 9.79 -5.27
C LEU A 97 7.35 9.96 -5.29
N LYS A 98 7.82 11.03 -5.95
CA LYS A 98 9.24 11.36 -5.93
C LYS A 98 9.37 12.39 -4.84
N LEU A 99 10.18 12.07 -3.84
CA LEU A 99 10.34 12.92 -2.67
C LEU A 99 11.32 14.06 -2.97
N GLU A 100 11.08 15.22 -2.35
CA GLU A 100 11.92 16.42 -2.51
C GLU A 100 13.30 16.23 -1.91
N THR A 101 13.42 15.40 -0.86
CA THR A 101 14.69 15.06 -0.21
C THR A 101 14.80 13.55 -0.07
N THR A 102 16.00 13.04 0.23
CA THR A 102 16.17 11.61 0.37
C THR A 102 15.91 11.14 1.79
N VAL A 103 15.40 9.92 1.91
CA VAL A 103 15.15 9.27 3.19
C VAL A 103 16.49 8.73 3.65
N GLY A 104 16.82 8.97 4.91
CA GLY A 104 18.00 8.38 5.53
C GLY A 104 17.54 7.08 6.14
N TYR A 105 18.05 5.95 5.63
CA TYR A 105 17.68 4.62 6.11
C TYR A 105 18.19 4.35 7.52
N GLY A 106 17.38 3.66 8.30
CA GLY A 106 17.73 3.23 9.65
C GLY A 106 16.73 2.19 10.08
N ASP A 107 16.79 1.80 11.35
CA ASP A 107 15.89 0.76 11.89
C ASP A 107 14.41 1.21 11.93
N SER A 108 14.14 2.53 11.85
CA SER A 108 12.76 3.06 11.82
C SER A 108 12.19 3.27 10.40
N GLN A 109 13.04 3.32 9.38
CA GLN A 109 12.62 3.63 8.00
C GLN A 109 13.60 3.09 7.01
N ARG A 110 13.14 2.13 6.23
CA ARG A 110 13.97 1.47 5.23
C ARG A 110 13.11 0.89 4.10
N PRO A 111 13.70 0.55 2.94
CA PRO A 111 12.86 0.09 1.81
C PRO A 111 12.45 -1.37 1.85
N ILE A 112 11.33 -1.68 1.19
CA ILE A 112 10.92 -3.07 1.05
C ILE A 112 11.37 -3.46 -0.35
N CYS A 113 11.85 -4.70 -0.53
CA CYS A 113 12.24 -5.27 -1.81
C CYS A 113 11.03 -5.41 -2.71
N LEU A 114 11.22 -5.12 -3.97
CA LEU A 114 10.19 -5.34 -4.97
C LEU A 114 10.25 -6.83 -5.29
N PRO A 115 9.15 -7.47 -5.75
CA PRO A 115 9.27 -8.89 -6.13
C PRO A 115 10.14 -9.06 -7.38
N SER A 116 10.77 -10.22 -7.52
CA SER A 116 11.58 -10.53 -8.70
C SER A 116 10.69 -11.20 -9.74
N LYS A 117 11.06 -11.08 -11.05
CA LYS A 117 10.35 -11.72 -12.17
C LYS A 117 10.37 -13.25 -12.01
N GLY A 118 11.43 -13.77 -11.37
CA GLY A 118 11.60 -15.18 -11.04
C GLY A 118 10.66 -15.62 -9.93
N ASP A 119 10.30 -14.67 -9.03
CA ASP A 119 9.38 -14.84 -7.91
C ASP A 119 7.88 -14.78 -8.35
N ARG A 120 7.62 -14.53 -9.65
CA ARG A 120 6.26 -14.49 -10.23
C ARG A 120 5.58 -15.87 -10.07
N ASN A 121 6.41 -16.94 -9.97
CA ASN A 121 6.02 -18.34 -9.82
C ASN A 121 5.93 -18.81 -8.35
N VAL A 122 6.63 -18.13 -7.40
CA VAL A 122 6.65 -18.52 -5.99
C VAL A 122 5.26 -18.35 -5.32
N ILE A 123 4.97 -19.23 -4.36
CA ILE A 123 3.72 -19.21 -3.61
C ILE A 123 4.03 -18.63 -2.24
N TYR A 124 3.46 -17.46 -1.95
CA TYR A 124 3.67 -16.76 -0.70
C TYR A 124 2.62 -17.22 0.30
N THR A 125 3.08 -17.62 1.49
CA THR A 125 2.24 -18.15 2.56
C THR A 125 2.27 -17.28 3.84
N ASP A 126 3.12 -16.25 3.85
CA ASP A 126 3.23 -15.38 5.03
C ASP A 126 3.06 -13.90 4.59
N CYS A 127 1.81 -13.49 4.32
CA CYS A 127 1.41 -12.17 3.81
C CYS A 127 0.62 -11.39 4.82
N TRP A 128 0.96 -10.10 4.95
CA TRP A 128 0.36 -9.21 5.92
C TRP A 128 -0.05 -7.88 5.28
N VAL A 129 -1.27 -7.41 5.61
CA VAL A 129 -1.81 -6.11 5.18
C VAL A 129 -1.74 -5.19 6.39
N THR A 130 -1.19 -3.98 6.21
CA THR A 130 -0.98 -3.03 7.30
C THR A 130 -1.58 -1.67 6.98
N GLY A 131 -1.96 -0.95 8.01
CA GLY A 131 -2.48 0.39 7.81
C GLY A 131 -3.13 1.01 9.02
N TRP A 132 -3.46 2.33 8.90
CA TRP A 132 -4.16 3.04 9.96
C TRP A 132 -5.69 3.15 9.64
N GLY A 133 -6.17 2.43 8.65
CA GLY A 133 -7.56 2.50 8.22
C GLY A 133 -8.57 1.98 9.24
N TYR A 134 -9.86 2.12 8.90
CA TYR A 134 -11.03 1.73 9.70
C TYR A 134 -10.97 0.24 10.06
N ARG A 135 -11.64 -0.14 11.14
CA ARG A 135 -11.75 -1.54 11.59
C ARG A 135 -13.06 -2.13 11.09
N LYS A 136 -13.92 -1.29 10.50
CA LYS A 136 -15.22 -1.64 9.91
C LYS A 136 -15.65 -0.50 8.99
N LEU A 137 -16.66 -0.73 8.13
CA LEU A 137 -17.13 0.28 7.17
C LEU A 137 -17.38 1.65 7.76
N ARG A 138 -18.04 1.72 8.93
CA ARG A 138 -18.31 3.01 9.56
C ARG A 138 -17.46 3.06 10.82
N ASP A 139 -16.34 3.75 10.72
CA ASP A 139 -15.37 3.82 11.79
C ASP A 139 -14.56 5.10 11.64
N LYS A 140 -13.30 5.06 12.09
CA LYS A 140 -12.39 6.19 12.05
C LYS A 140 -10.98 5.64 11.89
N ILE A 141 -10.07 6.50 11.46
CA ILE A 141 -8.65 6.18 11.30
C ILE A 141 -8.12 5.74 12.68
N GLN A 142 -7.29 4.70 12.72
CA GLN A 142 -6.72 4.20 13.96
C GLN A 142 -5.41 4.89 14.26
N ASN A 143 -5.16 5.15 15.54
CA ASN A 143 -3.93 5.82 15.97
C ASN A 143 -2.70 4.93 15.70
N THR A 144 -2.76 3.66 16.11
CA THR A 144 -1.67 2.70 15.99
C THR A 144 -1.77 1.90 14.70
N LEU A 145 -0.62 1.79 13.98
CA LEU A 145 -0.57 0.97 12.76
C LEU A 145 -1.05 -0.45 13.09
N GLN A 146 -2.03 -0.97 12.31
CA GLN A 146 -2.56 -2.33 12.53
C GLN A 146 -2.00 -3.26 11.50
N LYS A 147 -1.99 -4.56 11.80
CA LYS A 147 -1.56 -5.61 10.88
C LYS A 147 -2.55 -6.75 10.91
N ALA A 148 -2.68 -7.45 9.78
CA ALA A 148 -3.53 -8.64 9.67
C ALA A 148 -2.86 -9.57 8.67
N LYS A 149 -2.73 -10.82 9.07
CA LYS A 149 -2.15 -11.85 8.19
C LYS A 149 -3.30 -12.39 7.35
N ILE A 150 -3.12 -12.43 6.02
CA ILE A 150 -4.21 -12.85 5.15
C ILE A 150 -3.68 -13.79 4.08
N PRO A 151 -4.42 -14.84 3.66
CA PRO A 151 -3.87 -15.71 2.61
C PRO A 151 -4.11 -15.11 1.23
N LEU A 152 -3.19 -15.35 0.29
CA LEU A 152 -3.39 -14.97 -1.11
C LEU A 152 -4.43 -15.92 -1.70
N VAL A 153 -5.18 -15.42 -2.67
CA VAL A 153 -6.25 -16.13 -3.35
C VAL A 153 -5.90 -16.18 -4.84
N THR A 154 -6.14 -17.33 -5.51
CA THR A 154 -5.83 -17.42 -6.94
C THR A 154 -6.74 -16.45 -7.72
N ASN A 155 -6.29 -16.04 -8.89
CA ASN A 155 -7.03 -15.20 -9.82
C ASN A 155 -8.39 -15.85 -10.13
N GLU A 156 -8.41 -17.19 -10.39
CA GLU A 156 -9.62 -17.96 -10.70
C GLU A 156 -10.64 -17.86 -9.60
N GLU A 157 -10.21 -18.08 -8.35
CA GLU A 157 -11.09 -17.96 -7.19
C GLU A 157 -11.56 -16.50 -6.99
N CYS A 158 -10.66 -15.52 -7.19
CA CYS A 158 -11.03 -14.11 -7.03
C CYS A 158 -12.01 -13.69 -8.08
N GLN A 159 -11.87 -14.20 -9.31
CA GLN A 159 -12.81 -13.86 -10.38
C GLN A 159 -14.21 -14.39 -10.04
N LYS A 160 -14.33 -15.61 -9.49
CA LYS A 160 -15.67 -16.11 -9.15
C LYS A 160 -16.30 -15.33 -7.98
N ARG A 161 -15.48 -14.66 -7.15
CA ARG A 161 -15.98 -13.84 -6.04
C ARG A 161 -16.44 -12.47 -6.48
N TYR A 162 -16.01 -12.03 -7.66
CA TYR A 162 -16.34 -10.72 -8.20
C TYR A 162 -16.95 -10.85 -9.57
N ARG A 163 -18.15 -11.43 -9.60
CA ARG A 163 -18.96 -11.57 -10.83
C ARG A 163 -19.29 -10.13 -11.29
N GLY A 164 -19.08 -9.86 -12.56
CA GLY A 164 -19.36 -8.50 -13.03
C GLY A 164 -18.13 -7.63 -13.12
N HIS A 165 -17.01 -8.07 -12.53
CA HIS A 165 -15.72 -7.34 -12.65
C HIS A 165 -14.83 -8.19 -13.50
N LYS A 166 -13.79 -7.61 -14.08
CA LYS A 166 -12.77 -8.38 -14.77
C LYS A 166 -11.55 -8.36 -13.84
N ILE A 167 -11.28 -9.49 -13.14
CA ILE A 167 -10.10 -9.61 -12.27
C ILE A 167 -8.92 -10.11 -13.14
N THR A 168 -8.03 -9.21 -13.46
CA THR A 168 -6.89 -9.47 -14.35
C THR A 168 -5.72 -10.00 -13.54
N HIS A 169 -4.68 -10.54 -14.23
CA HIS A 169 -3.46 -11.01 -13.58
C HIS A 169 -2.58 -9.85 -13.07
N LYS A 170 -2.98 -8.59 -13.37
CA LYS A 170 -2.32 -7.37 -12.87
C LYS A 170 -2.88 -7.00 -11.47
N MET A 171 -3.85 -7.79 -11.01
CA MET A 171 -4.45 -7.72 -9.68
C MET A 171 -4.10 -9.00 -8.92
N ILE A 172 -4.00 -8.90 -7.60
CA ILE A 172 -3.78 -10.05 -6.76
C ILE A 172 -4.75 -9.90 -5.58
N CYS A 173 -5.47 -11.00 -5.24
CA CYS A 173 -6.45 -10.93 -4.17
C CYS A 173 -6.01 -11.64 -2.95
N ALA A 174 -6.53 -11.23 -1.79
CA ALA A 174 -6.20 -11.85 -0.51
C ALA A 174 -7.36 -11.74 0.47
N GLY A 175 -7.65 -12.84 1.12
CA GLY A 175 -8.70 -12.90 2.12
C GLY A 175 -9.11 -14.31 2.47
N TYR A 176 -9.77 -14.46 3.61
CA TYR A 176 -10.29 -15.74 4.08
C TYR A 176 -11.68 -15.91 3.45
N ARG A 177 -12.01 -17.13 3.03
CA ARG A 177 -13.33 -17.43 2.45
C ARG A 177 -14.44 -16.96 3.38
N GLU A 178 -14.25 -17.11 4.69
CA GLU A 178 -15.23 -16.74 5.71
C GLU A 178 -15.20 -15.23 6.03
N GLY A 179 -14.20 -14.52 5.48
CA GLY A 179 -14.03 -13.08 5.75
C GLY A 179 -13.41 -12.86 7.12
N GLY A 180 -13.54 -11.66 7.67
CA GLY A 180 -13.05 -11.37 9.00
C GLY A 180 -11.77 -10.56 9.08
N LYS A 181 -10.86 -10.71 8.12
CA LYS A 181 -9.59 -9.96 8.11
C LYS A 181 -9.39 -9.33 6.73
N ASP A 182 -9.10 -8.04 6.70
CA ASP A 182 -8.97 -7.35 5.40
C ASP A 182 -8.49 -5.94 5.62
N ALA A 183 -8.23 -5.25 4.51
CA ALA A 183 -8.00 -3.81 4.53
C ALA A 183 -9.36 -3.16 4.60
N CYS A 184 -9.40 -1.87 4.95
CA CYS A 184 -10.63 -1.10 4.96
CA CYS A 184 -10.63 -1.09 5.02
C CYS A 184 -10.32 0.37 4.65
N LYS A 185 -11.30 1.26 4.71
CA LYS A 185 -11.11 2.68 4.39
C LYS A 185 -9.92 3.32 5.10
N GLY A 186 -9.00 3.91 4.32
CA GLY A 186 -7.82 4.56 4.88
C GLY A 186 -6.56 3.72 4.75
N ASP A 187 -6.73 2.45 4.35
CA ASP A 187 -5.59 1.53 4.18
C ASP A 187 -4.99 1.55 2.78
N SER A 188 -5.78 2.04 1.79
CA SER A 188 -5.37 1.97 0.38
C SER A 188 -4.06 2.69 0.12
N GLY A 189 -3.30 2.09 -0.78
CA GLY A 189 -1.97 2.63 -1.11
C GLY A 189 -0.88 1.97 -0.31
N GLY A 190 -1.26 1.35 0.80
CA GLY A 190 -0.33 0.69 1.70
C GLY A 190 0.09 -0.66 1.15
N PRO A 191 1.03 -1.31 1.85
CA PRO A 191 1.56 -2.58 1.35
C PRO A 191 0.76 -3.81 1.74
N LEU A 192 0.93 -4.85 0.94
CA LEU A 192 0.60 -6.24 1.22
C LEU A 192 2.03 -6.85 1.17
N SER A 193 2.61 -7.09 2.35
CA SER A 193 4.00 -7.55 2.47
C SER A 193 4.06 -9.05 2.74
N CYS A 194 4.84 -9.78 1.95
CA CYS A 194 4.96 -11.24 2.07
C CYS A 194 6.43 -11.60 2.34
N LYS A 195 6.67 -12.42 3.36
CA LYS A 195 8.00 -12.87 3.77
C LYS A 195 8.33 -14.17 3.03
N HIS A 196 9.41 -14.18 2.26
CA HIS A 196 9.84 -15.36 1.52
C HIS A 196 11.35 -15.48 1.57
N ASN A 197 11.84 -16.63 2.09
CA ASN A 197 13.27 -16.96 2.28
C ASN A 197 13.90 -15.88 3.17
N GLU A 198 13.21 -15.56 4.28
CA GLU A 198 13.58 -14.56 5.30
C GLU A 198 13.64 -13.09 4.79
N VAL A 199 13.14 -12.80 3.57
CA VAL A 199 13.13 -11.46 2.97
C VAL A 199 11.68 -11.02 2.72
N TRP A 200 11.37 -9.78 3.11
CA TRP A 200 10.03 -9.23 2.87
C TRP A 200 9.97 -8.67 1.45
N HIS A 201 8.88 -8.96 0.76
CA HIS A 201 8.67 -8.46 -0.61
C HIS A 201 7.36 -7.72 -0.68
N LEU A 202 7.33 -6.64 -1.48
CA LEU A 202 6.11 -5.87 -1.70
C LEU A 202 5.29 -6.58 -2.80
N VAL A 203 4.42 -7.46 -2.37
CA VAL A 203 3.62 -8.26 -3.29
C VAL A 203 2.42 -7.49 -3.84
N GLY A 204 1.78 -6.70 -2.98
CA GLY A 204 0.62 -5.94 -3.40
C GLY A 204 0.51 -4.52 -2.86
N ILE A 205 -0.37 -3.73 -3.50
CA ILE A 205 -0.70 -2.37 -3.05
C ILE A 205 -2.21 -2.43 -2.79
N THR A 206 -2.66 -2.14 -1.55
CA THR A 206 -4.08 -2.13 -1.15
C THR A 206 -4.89 -1.25 -2.12
N SER A 207 -5.88 -1.85 -2.80
CA SER A 207 -6.62 -1.12 -3.83
C SER A 207 -8.10 -1.01 -3.53
N TRP A 208 -8.83 -2.13 -3.64
CA TRP A 208 -10.29 -2.05 -3.43
C TRP A 208 -10.90 -3.41 -2.98
N GLY A 209 -12.15 -3.38 -2.59
CA GLY A 209 -12.96 -4.56 -2.24
C GLY A 209 -14.42 -4.17 -2.18
N GLU A 210 -15.33 -5.18 -2.21
CA GLU A 210 -16.75 -4.88 -2.03
C GLU A 210 -16.98 -4.99 -0.51
N GLY A 211 -17.08 -3.84 0.15
CA GLY A 211 -17.16 -3.76 1.61
C GLY A 211 -15.80 -4.13 2.21
N CYS A 212 -15.75 -4.43 3.52
CA CYS A 212 -14.51 -4.79 4.21
CA CYS A 212 -14.50 -4.84 4.13
C CYS A 212 -14.66 -6.12 4.91
N ALA A 213 -13.71 -7.04 4.72
CA ALA A 213 -13.64 -8.34 5.36
C ALA A 213 -14.91 -9.15 5.23
N GLN A 214 -15.64 -8.98 4.11
CA GLN A 214 -16.87 -9.76 3.98
C GLN A 214 -16.50 -11.17 3.51
N ARG A 215 -17.33 -12.11 3.90
CA ARG A 215 -17.23 -13.50 3.47
C ARG A 215 -17.25 -13.52 1.92
N GLU A 216 -16.32 -14.30 1.32
CA GLU A 216 -16.21 -14.49 -0.12
C GLU A 216 -16.03 -13.19 -0.92
N ARG A 217 -15.40 -12.17 -0.31
CA ARG A 217 -15.08 -10.90 -0.97
C ARG A 217 -13.62 -10.58 -0.62
N PRO A 218 -12.65 -11.24 -1.30
CA PRO A 218 -11.23 -10.95 -1.00
C PRO A 218 -10.88 -9.49 -1.31
N GLY A 219 -9.89 -8.95 -0.59
CA GLY A 219 -9.37 -7.62 -0.85
C GLY A 219 -8.65 -7.72 -2.18
N VAL A 220 -8.70 -6.67 -3.01
CA VAL A 220 -8.05 -6.65 -4.35
C VAL A 220 -6.90 -5.67 -4.26
N TYR A 221 -5.72 -6.15 -4.67
CA TYR A 221 -4.45 -5.44 -4.59
C TYR A 221 -3.82 -5.34 -5.95
N THR A 222 -3.04 -4.26 -6.19
CA THR A 222 -2.26 -4.15 -7.41
C THR A 222 -1.15 -5.21 -7.29
N ASN A 223 -1.02 -6.11 -8.28
CA ASN A 223 -0.03 -7.18 -8.28
C ASN A 223 1.31 -6.58 -8.69
N VAL A 224 2.10 -6.16 -7.70
CA VAL A 224 3.36 -5.40 -7.87
C VAL A 224 4.34 -6.06 -8.87
N VAL A 225 4.49 -7.39 -8.85
CA VAL A 225 5.43 -8.11 -9.75
C VAL A 225 5.15 -7.74 -11.23
N GLU A 226 3.87 -7.47 -11.60
CA GLU A 226 3.48 -7.12 -12.98
C GLU A 226 3.86 -5.71 -13.36
N TYR A 227 4.36 -4.92 -12.39
CA TYR A 227 4.73 -3.54 -12.60
C TYR A 227 6.19 -3.21 -12.31
N VAL A 228 7.02 -4.22 -12.09
CA VAL A 228 8.44 -4.00 -11.80
C VAL A 228 9.13 -3.19 -12.90
N ASP A 229 8.90 -3.55 -14.19
CA ASP A 229 9.51 -2.81 -15.30
C ASP A 229 9.01 -1.38 -15.35
N TRP A 230 7.71 -1.16 -15.07
CA TRP A 230 7.15 0.19 -15.05
C TRP A 230 7.80 1.02 -13.93
N ILE A 231 7.99 0.43 -12.73
CA ILE A 231 8.60 1.13 -11.58
C ILE A 231 10.06 1.50 -11.95
N LEU A 232 10.82 0.53 -12.48
CA LEU A 232 12.20 0.74 -12.94
C LEU A 232 12.29 1.80 -14.03
N GLU A 233 11.31 1.85 -14.97
CA GLU A 233 11.26 2.89 -16.03
C GLU A 233 11.20 4.29 -15.41
N LYS A 234 10.34 4.44 -14.41
CA LYS A 234 10.12 5.73 -13.76
C LYS A 234 11.22 6.12 -12.79
N THR A 235 11.73 5.18 -11.95
CA THR A 235 12.77 5.43 -10.93
C THR A 235 14.21 5.42 -11.48
N GLN A 236 14.47 4.69 -12.58
CA GLN A 236 15.81 4.56 -13.16
C GLN A 236 15.94 5.34 -14.47
N ALA A 237 15.09 6.36 -14.68
CA ALA A 237 15.13 7.14 -15.91
C ALA A 237 16.51 7.83 -16.08
N VAL A 238 17.08 7.80 -17.29
CA VAL A 238 18.40 8.40 -17.54
C VAL A 238 18.32 9.96 -17.58
N CYS B 11 18.08 -6.81 -1.99
CA CYS B 11 17.07 -7.26 -2.96
C CYS B 11 17.72 -7.59 -4.31
N THR B 12 17.05 -8.48 -5.09
CA THR B 12 17.45 -8.86 -6.46
C THR B 12 17.15 -7.64 -7.35
N THR B 13 15.93 -7.06 -7.23
CA THR B 13 15.51 -5.84 -7.94
C THR B 13 16.16 -4.65 -7.20
N LYS B 14 16.96 -3.84 -7.91
CA LYS B 14 17.66 -2.71 -7.30
C LYS B 14 17.16 -1.34 -7.78
N ILE B 15 16.83 -0.46 -6.82
CA ILE B 15 16.38 0.92 -7.06
C ILE B 15 17.51 1.90 -6.74
C13 9FA C . -10.45 0.14 0.33
C18 9FA C . -10.54 5.23 1.10
C17 9FA C . -10.01 4.48 -0.10
C15 9FA C . -9.37 2.36 0.96
C19 9FA C . -10.63 5.02 -1.40
C20 9FA C . -10.19 7.45 3.82
C21 9FA C . -10.68 7.39 5.13
C22 9FA C . -10.22 8.26 6.11
C23 9FA C . -9.22 9.19 5.81
C24 9FA C . -8.74 9.28 4.51
C34 9FA C . -8.83 9.41 -0.10
C27 9FA C . -11.97 6.13 2.49
C33 9FA C . -9.56 8.82 -1.34
CL1 9FA C . -8.03 -4.37 -0.34
C2 9FA C . -11.66 -3.39 1.00
C3 9FA C . -10.54 -4.11 0.61
C4 9FA C . -9.43 -3.45 0.14
C5 9FA C . -9.41 -2.08 0.02
C6 9FA C . -10.54 -1.32 0.39
C7 9FA C . -11.68 -2.00 0.86
N8 9FA C . -12.89 -1.30 1.18
C9 9FA C . -14.11 -1.35 0.67
N10 9FA C . -14.86 -0.43 1.20
N11 9FA C . -14.06 0.21 2.09
N12 9FA C . -12.87 -0.30 2.10
C14 9FA C . -9.54 0.89 0.98
O16 9FA C . -8.63 2.95 1.75
C25 9FA C . -9.22 8.44 3.51
N26 9FA C . -11.85 5.32 1.40
C28 9FA C . -10.69 6.51 2.82
N29 9FA C . -9.79 5.92 1.93
N30 9FA C . -8.77 8.60 2.18
C31 9FA C . -10.62 6.54 -1.48
C32 9FA C . -9.55 7.32 -1.31
C35 9FA C . -9.56 9.10 1.19
N36 9FA C . -8.71 10.14 6.73
C37 9FA C . -9.22 10.49 7.94
O38 9FA C . -8.35 11.29 8.58
O39 9FA C . -10.30 10.16 8.39
C40 9FA C . -8.84 11.97 9.78
O41 9FA C . -10.76 9.28 1.33
C42 9FA C . -8.96 9.41 -2.61
N43 9FA C . -10.13 3.03 0.05
H48 9FA C . -11.25 0.57 -0.26
H50 9FA C . -8.96 4.74 -0.17
H51 9FA C . -10.15 4.56 -2.25
H52 9FA C . -11.67 4.70 -1.46
H53 9FA C . -11.42 6.64 5.38
H54 9FA C . -10.66 8.13 7.10
H55 9FA C . -8.01 10.05 4.24
H62 9FA C . -8.81 10.49 -0.21
H63 9FA C . -7.78 9.12 -0.11
H57 9FA C . -12.92 6.39 2.95
H61 9FA C . -10.60 9.14 -1.30
H44 9FA C . -12.48 -3.95 1.43
H45 9FA C . -10.54 -5.20 0.69
H46 9FA C . -8.53 -1.57 -0.37
H47 9FA C . -14.49 -2.06 -0.07
H49 9FA C . -8.83 0.35 1.61
H56 9FA C . -12.63 4.92 0.89
H58 9FA C . -8.03 7.97 1.90
H59 9FA C . -11.58 6.98 -1.71
H60 9FA C . -8.57 6.87 -1.13
H64 9FA C . -7.85 10.60 6.43
H65 9FA C . -7.95 12.02 10.40
H67 9FA C . -9.63 11.43 10.30
H66 9FA C . -9.20 12.97 9.55
H69 9FA C . -7.87 9.35 -2.61
H70 9FA C . -9.22 10.46 -2.76
H68 9FA C . -9.30 8.88 -3.50
H71 9FA C . -10.78 2.58 -0.58
S SO4 D . 6.02 0.80 12.28
O1 SO4 D . 5.37 1.75 11.41
O2 SO4 D . 5.10 -0.27 12.75
O3 SO4 D . 6.52 1.53 13.46
O4 SO4 D . 7.11 0.14 11.53
S SO4 E . -17.74 -22.13 -4.89
O1 SO4 E . -18.52 -22.83 -5.90
O2 SO4 E . -18.04 -20.71 -5.00
O3 SO4 E . -16.31 -22.34 -5.09
O4 SO4 E . -18.09 -22.61 -3.56
C1 EDO F . -14.85 2.55 -1.41
O1 EDO F . -16.14 2.78 -0.86
C2 EDO F . -13.85 2.88 -0.32
O2 EDO F . -14.03 4.26 0.07
C1 EDO G . 20.78 5.73 2.87
O1 EDO G . 20.35 6.28 4.10
C2 EDO G . 19.75 6.00 1.74
O2 EDO G . 19.37 7.37 1.69
C1 EDO H . 7.79 2.14 21.02
O1 EDO H . 8.50 1.18 21.78
C2 EDO H . 6.29 2.26 21.43
O2 EDO H . 5.74 3.49 20.95
C1 EDO I . -18.14 -0.53 -1.17
O1 EDO I . -17.01 -1.38 -1.17
C2 EDO I . -18.34 -0.06 0.28
O2 EDO I . -17.29 0.82 0.62
C1 EDO J . -15.19 -0.74 -4.67
O1 EDO J . -15.35 -0.25 -3.36
C2 EDO J . -16.23 -1.87 -4.92
O2 EDO J . -17.52 -1.31 -4.80
C1 EDO K . -5.78 -10.59 -17.89
O1 EDO K . -5.41 -11.77 -17.19
C2 EDO K . -4.51 -9.85 -18.34
O2 EDO K . -3.62 -9.67 -17.24
C1 EDO L . -2.66 16.69 12.05
O1 EDO L . -3.00 15.33 11.90
C2 EDO L . -1.13 16.85 12.06
O2 EDO L . -0.76 18.14 12.55
C1 EDO M . -11.58 -16.47 -1.44
O1 EDO M . -12.75 -17.24 -1.61
C2 EDO M . -11.71 -15.51 -0.25
O2 EDO M . -12.93 -14.80 -0.38
C1 EDO N . -2.43 -13.06 -8.96
O1 EDO N . -2.40 -14.40 -8.55
C2 EDO N . -2.58 -12.95 -10.48
O2 EDO N . -1.43 -13.46 -11.11
C1 EDO O . -4.80 -5.16 -16.55
O1 EDO O . -5.86 -5.08 -17.50
C2 EDO O . -5.09 -4.25 -15.33
O2 EDO O . -6.25 -4.71 -14.68
C1 EDO P . 6.00 -10.30 11.67
O1 EDO P . 6.43 -8.96 11.88
C2 EDO P . 4.47 -10.39 11.87
O2 EDO P . 4.11 -10.18 13.24
C1 EDO Q . -14.36 8.30 -1.89
O1 EDO Q . -14.42 6.88 -2.13
C2 EDO Q . -13.84 8.67 -0.46
O2 EDO Q . -14.83 8.38 0.52
#